data_4X0J
#
_entry.id   4X0J
#
_cell.length_a   27.900
_cell.length_b   47.790
_cell.length_c   203.380
_cell.angle_alpha   90.00
_cell.angle_beta   92.79
_cell.angle_gamma   90.00
#
_symmetry.space_group_name_H-M   'P 1 21 1'
#
loop_
_entity.id
_entity.type
_entity.pdbx_description
1 polymer 'Haptoglobin-hemoglobin receptor'
2 water water
#
_entity_poly.entity_id   1
_entity_poly.type   'polypeptide(L)'
_entity_poly.pdbx_seq_one_letter_code
;GAEGLKTKDEVEKACHLAQQLKEVSITLGVIYRTTERHSVQVEAHKTAIDKHADAVSRAVEALTRVDVALQRLKELGKAN
DTKAVKIIENITSARENLALFNNETQAVLTARDHVHKHRAAALQGWSDAKEKGDAAAEDVWVLLNAAKKGNGSADVKAAA
EKCSRYSSSSTSETELQKAIDAAANVGGLSAHKSKYGDVLNKFKLSNASVGAVRDTSGRGGKHMEKVNNVAKLLKDAEVS
LAAAAAEIEEVKNAHETKVQEEMKR
;
_entity_poly.pdbx_strand_id   A,B
#
# COMPACT_ATOMS: atom_id res chain seq x y z
N GLU A 3 36.54 14.66 -20.38
CA GLU A 3 35.71 13.59 -20.98
C GLU A 3 34.61 14.28 -21.81
N GLY A 4 34.86 14.31 -23.10
CA GLY A 4 33.78 14.37 -24.11
C GLY A 4 33.47 12.96 -24.58
N LEU A 5 32.45 12.81 -25.44
CA LEU A 5 32.11 11.48 -25.93
C LEU A 5 32.93 11.26 -27.19
N LYS A 6 33.86 10.31 -27.17
CA LYS A 6 34.81 10.19 -28.28
C LYS A 6 34.67 8.92 -29.08
N THR A 7 33.97 7.92 -28.53
CA THR A 7 33.76 6.65 -29.22
C THR A 7 32.30 6.51 -29.60
N LYS A 8 32.06 5.65 -30.57
CA LYS A 8 30.70 5.30 -30.92
C LYS A 8 29.90 4.74 -29.74
N ASP A 9 30.55 3.90 -28.95
CA ASP A 9 29.94 3.30 -27.75
C ASP A 9 29.50 4.35 -26.71
N GLU A 10 30.37 5.33 -26.40
CA GLU A 10 29.99 6.39 -25.48
C GLU A 10 28.83 7.20 -26.03
N VAL A 11 28.89 7.53 -27.34
CA VAL A 11 27.81 8.31 -27.95
C VAL A 11 26.46 7.57 -27.87
N GLU A 12 26.46 6.28 -28.16
CA GLU A 12 25.22 5.50 -28.17
C GLU A 12 24.66 5.38 -26.76
N LYS A 13 25.52 5.20 -25.76
CA LYS A 13 25.03 5.13 -24.39
C LYS A 13 24.44 6.51 -23.96
N ALA A 14 25.08 7.60 -24.40
CA ALA A 14 24.55 8.93 -24.10
C ALA A 14 23.23 9.19 -24.81
N CYS A 15 23.17 8.79 -26.05
CA CYS A 15 21.98 8.97 -26.91
C CYS A 15 20.80 8.28 -26.27
N HIS A 16 21.01 7.02 -25.93
CA HIS A 16 19.91 6.21 -25.33
C HIS A 16 19.44 6.80 -24.01
N LEU A 17 20.42 7.23 -23.19
CA LEU A 17 20.04 7.91 -21.96
C LEU A 17 19.20 9.17 -22.15
N ALA A 18 19.64 10.06 -23.06
CA ALA A 18 18.97 11.30 -23.33
C ALA A 18 17.56 11.07 -23.79
N GLN A 19 17.42 10.06 -24.62
CA GLN A 19 16.06 9.63 -25.06
C GLN A 19 15.17 9.19 -23.92
N GLN A 20 15.70 8.32 -23.07
CA GLN A 20 14.94 7.81 -21.97
C GLN A 20 14.59 8.90 -20.96
N LEU A 21 15.53 9.85 -20.71
CA LEU A 21 15.21 10.94 -19.80
C LEU A 21 14.05 11.83 -20.36
N LYS A 22 14.12 12.09 -21.65
CA LYS A 22 13.10 12.87 -22.32
C LYS A 22 11.79 12.09 -22.37
N GLU A 23 11.91 10.78 -22.37
CA GLU A 23 10.67 9.95 -22.44
C GLU A 23 9.92 9.89 -21.12
N VAL A 24 10.63 10.15 -20.02
CA VAL A 24 10.00 10.18 -18.73
C VAL A 24 8.70 10.99 -18.74
N SER A 25 8.73 12.24 -19.21
CA SER A 25 7.49 13.04 -19.14
C SER A 25 6.36 12.48 -20.00
N ILE A 26 6.70 11.94 -21.14
CA ILE A 26 5.71 11.43 -22.11
C ILE A 26 5.08 10.16 -21.52
N THR A 27 5.89 9.22 -21.04
CA THR A 27 5.35 7.98 -20.49
C THR A 27 4.55 8.23 -19.24
N LEU A 28 5.03 9.14 -18.39
CA LEU A 28 4.27 9.46 -17.17
C LEU A 28 2.96 10.16 -17.41
N GLY A 29 2.89 10.99 -18.46
CA GLY A 29 1.64 11.58 -18.80
C GLY A 29 0.63 10.53 -19.22
N VAL A 30 1.08 9.55 -19.99
CA VAL A 30 0.19 8.46 -20.38
C VAL A 30 -0.33 7.71 -19.17
N ILE A 31 0.57 7.36 -18.25
CA ILE A 31 0.22 6.62 -17.05
C ILE A 31 -0.74 7.48 -16.19
N TYR A 32 -0.42 8.76 -16.03
CA TYR A 32 -1.28 9.67 -15.25
C TYR A 32 -2.71 9.73 -15.78
N ARG A 33 -2.85 9.74 -17.08
CA ARG A 33 -4.13 9.91 -17.69
C ARG A 33 -5.02 8.74 -17.42
N THR A 34 -4.45 7.61 -17.00
CA THR A 34 -5.29 6.46 -16.59
C THR A 34 -5.99 6.69 -15.25
N THR A 35 -5.61 7.74 -14.50
CA THR A 35 -6.27 7.98 -13.21
C THR A 35 -7.54 8.78 -13.32
N GLU A 36 -7.73 9.44 -14.47
CA GLU A 36 -8.94 10.24 -14.61
C GLU A 36 -10.23 9.42 -14.44
N ARG A 37 -10.24 8.18 -14.94
CA ARG A 37 -11.44 7.32 -14.86
C ARG A 37 -11.77 7.00 -13.39
N HIS A 38 -10.73 7.01 -12.55
CA HIS A 38 -10.95 6.73 -11.13
C HIS A 38 -11.51 7.98 -10.39
N SER A 39 -11.03 9.15 -10.75
CA SER A 39 -11.62 10.39 -10.25
C SER A 39 -13.10 10.44 -10.61
N VAL A 40 -13.43 10.12 -11.88
CA VAL A 40 -14.85 10.08 -12.30
C VAL A 40 -15.60 9.07 -11.48
N GLN A 41 -15.04 7.89 -11.23
CA GLN A 41 -15.77 6.89 -10.43
C GLN A 41 -16.11 7.28 -9.02
N VAL A 42 -15.13 7.84 -8.33
CA VAL A 42 -15.29 8.27 -6.94
C VAL A 42 -16.31 9.44 -6.78
N GLU A 43 -16.30 10.34 -7.73
CA GLU A 43 -17.28 11.42 -7.80
C GLU A 43 -18.68 10.88 -8.05
N ALA A 44 -18.75 9.88 -8.91
CA ALA A 44 -20.00 9.16 -9.08
C ALA A 44 -20.46 8.44 -7.80
N HIS A 45 -19.53 7.85 -7.05
CA HIS A 45 -19.95 7.22 -5.80
C HIS A 45 -20.56 8.30 -4.85
N LYS A 46 -19.89 9.44 -4.76
CA LYS A 46 -20.33 10.51 -3.86
C LYS A 46 -21.75 10.99 -4.21
N THR A 47 -22.02 11.24 -5.48
CA THR A 47 -23.38 11.53 -5.91
C THR A 47 -24.39 10.45 -5.57
N ALA A 48 -24.06 9.20 -5.86
CA ALA A 48 -24.95 8.11 -5.52
C ALA A 48 -25.20 8.01 -4.01
N ILE A 49 -24.16 8.26 -3.19
CA ILE A 49 -24.34 8.27 -1.72
C ILE A 49 -25.31 9.35 -1.28
N ASP A 50 -25.18 10.54 -1.89
CA ASP A 50 -26.04 11.66 -1.51
C ASP A 50 -27.51 11.27 -1.87
N LYS A 51 -27.70 10.67 -3.04
CA LYS A 51 -29.04 10.20 -3.40
C LYS A 51 -29.57 9.11 -2.47
N HIS A 52 -28.72 8.15 -2.10
CA HIS A 52 -29.13 7.12 -1.12
C HIS A 52 -29.48 7.77 0.23
N ALA A 53 -28.69 8.73 0.68
CA ALA A 53 -28.95 9.37 1.96
C ALA A 53 -30.33 10.00 1.96
N ASP A 54 -30.70 10.65 0.87
CA ASP A 54 -32.06 11.20 0.72
C ASP A 54 -33.12 10.10 0.74
N ALA A 55 -32.89 9.07 -0.05
CA ALA A 55 -33.86 8.02 -0.21
C ALA A 55 -34.11 7.21 1.10
N VAL A 56 -33.09 7.05 1.93
CA VAL A 56 -33.27 6.34 3.21
C VAL A 56 -33.74 7.22 4.34
N SER A 57 -33.93 8.54 4.13
CA SER A 57 -34.12 9.40 5.25
C SER A 57 -35.43 9.13 5.98
N ARG A 58 -36.48 8.70 5.30
CA ARG A 58 -37.70 8.39 6.00
C ARG A 58 -37.55 7.13 6.87
N ALA A 59 -36.83 6.13 6.36
CA ALA A 59 -36.50 4.97 7.20
C ALA A 59 -35.72 5.41 8.39
N VAL A 60 -34.75 6.28 8.21
CA VAL A 60 -33.94 6.73 9.35
C VAL A 60 -34.76 7.48 10.37
N GLU A 61 -35.70 8.30 9.87
CA GLU A 61 -36.53 9.05 10.78
C GLU A 61 -37.38 8.09 11.63
N ALA A 62 -37.93 7.06 11.01
CA ALA A 62 -38.72 6.09 11.76
C ALA A 62 -37.87 5.38 12.80
N LEU A 63 -36.67 4.95 12.44
CA LEU A 63 -35.76 4.33 13.42
C LEU A 63 -35.42 5.22 14.58
N THR A 64 -35.20 6.51 14.30
CA THR A 64 -34.97 7.49 15.41
C THR A 64 -36.18 7.60 16.34
N ARG A 65 -37.36 7.69 15.77
CA ARG A 65 -38.59 7.69 16.57
C ARG A 65 -38.68 6.45 17.46
N VAL A 66 -38.43 5.28 16.89
CA VAL A 66 -38.36 4.04 17.72
C VAL A 66 -37.37 4.15 18.87
N ASP A 67 -36.17 4.60 18.62
CA ASP A 67 -35.18 4.66 19.69
C ASP A 67 -35.59 5.69 20.75
N VAL A 68 -36.17 6.81 20.32
CA VAL A 68 -36.70 7.83 21.25
C VAL A 68 -37.79 7.28 22.16
N ALA A 69 -38.71 6.57 21.56
CA ALA A 69 -39.73 5.95 22.38
C ALA A 69 -39.19 4.89 23.31
N LEU A 70 -38.25 4.08 22.83
CA LEU A 70 -37.65 3.04 23.68
C LEU A 70 -36.88 3.65 24.84
N GLN A 71 -36.14 4.71 24.57
CA GLN A 71 -35.40 5.36 25.64
C GLN A 71 -36.36 5.85 26.73
N ARG A 72 -37.49 6.35 26.33
CA ARG A 72 -38.48 6.76 27.32
C ARG A 72 -39.07 5.54 28.09
N LEU A 73 -39.34 4.44 27.39
CA LEU A 73 -39.82 3.24 28.08
C LEU A 73 -38.79 2.74 29.07
N LYS A 74 -37.52 2.74 28.69
CA LYS A 74 -36.46 2.37 29.61
C LYS A 74 -36.47 3.29 30.83
N GLU A 75 -36.69 4.59 30.65
CA GLU A 75 -36.75 5.53 31.79
C GLU A 75 -37.89 5.21 32.70
N LEU A 76 -39.00 4.76 32.15
CA LEU A 76 -40.18 4.45 32.97
C LEU A 76 -40.07 3.07 33.60
N GLY A 77 -39.01 2.34 33.30
CA GLY A 77 -38.92 0.95 33.70
C GLY A 77 -39.88 -0.02 33.02
N LYS A 78 -40.35 0.31 31.81
CA LYS A 78 -41.34 -0.52 31.12
C LYS A 78 -40.87 -1.07 29.76
N ALA A 79 -39.55 -1.07 29.56
CA ALA A 79 -39.00 -1.43 28.26
C ALA A 79 -39.14 -2.96 28.07
N ASN A 80 -39.51 -3.68 29.15
CA ASN A 80 -39.81 -5.12 29.10
C ASN A 80 -41.26 -5.43 28.72
N ASP A 81 -42.07 -4.41 28.48
CA ASP A 81 -43.40 -4.62 27.91
C ASP A 81 -43.30 -5.52 26.72
N THR A 82 -44.08 -6.60 26.67
CA THR A 82 -43.92 -7.56 25.56
C THR A 82 -44.14 -6.98 24.15
N LYS A 83 -45.02 -5.99 23.97
CA LYS A 83 -45.17 -5.36 22.68
C LYS A 83 -43.94 -4.54 22.27
N ALA A 84 -43.33 -3.82 23.24
CA ALA A 84 -42.11 -3.12 23.00
C ALA A 84 -41.06 -4.11 22.58
N VAL A 85 -40.98 -5.24 23.28
CA VAL A 85 -39.95 -6.25 22.99
C VAL A 85 -40.10 -6.70 21.56
N LYS A 86 -41.32 -6.93 21.15
CA LYS A 86 -41.64 -7.46 19.83
C LYS A 86 -41.26 -6.45 18.76
N ILE A 87 -41.56 -5.21 19.04
CA ILE A 87 -41.21 -4.17 18.10
C ILE A 87 -39.70 -4.06 17.94
N ILE A 88 -38.97 -4.04 19.03
CA ILE A 88 -37.53 -4.02 18.95
C ILE A 88 -36.93 -5.20 18.15
N GLU A 89 -37.46 -6.41 18.35
CA GLU A 89 -37.09 -7.53 17.48
C GLU A 89 -37.30 -7.20 16.04
N ASN A 90 -38.47 -6.67 15.70
CA ASN A 90 -38.87 -6.45 14.32
C ASN A 90 -37.99 -5.43 13.63
N ILE A 91 -37.48 -4.49 14.40
CA ILE A 91 -36.69 -3.43 13.81
C ILE A 91 -35.22 -3.65 13.88
N THR A 92 -34.76 -4.68 14.57
CA THR A 92 -33.27 -4.79 14.77
C THR A 92 -32.51 -4.99 13.44
N SER A 93 -33.05 -5.67 12.45
CA SER A 93 -32.34 -5.82 11.20
C SER A 93 -32.12 -4.47 10.53
N ALA A 94 -33.15 -3.63 10.56
CA ALA A 94 -33.05 -2.27 10.01
C ALA A 94 -32.01 -1.43 10.76
N ARG A 95 -31.96 -1.53 12.07
CA ARG A 95 -30.91 -0.83 12.91
C ARG A 95 -29.56 -1.27 12.46
N GLU A 96 -29.40 -2.60 12.29
CA GLU A 96 -28.14 -3.14 11.82
C GLU A 96 -27.78 -2.65 10.42
N ASN A 97 -28.78 -2.61 9.53
CA ASN A 97 -28.56 -2.10 8.18
C ASN A 97 -28.19 -0.59 8.12
N LEU A 98 -28.80 0.20 9.00
CA LEU A 98 -28.43 1.59 9.09
C LEU A 98 -26.97 1.75 9.52
N ALA A 99 -26.54 0.96 10.51
CA ALA A 99 -25.13 1.06 10.97
C ALA A 99 -24.19 0.69 9.85
N LEU A 100 -24.54 -0.36 9.11
CA LEU A 100 -23.75 -0.76 7.94
C LEU A 100 -23.73 0.27 6.83
N PHE A 101 -24.85 0.93 6.60
CA PHE A 101 -24.91 2.01 5.61
C PHE A 101 -23.99 3.13 6.02
N ASN A 102 -24.03 3.51 7.29
CA ASN A 102 -23.16 4.56 7.77
C ASN A 102 -21.68 4.16 7.62
N ASN A 103 -21.36 2.94 8.00
CA ASN A 103 -19.98 2.49 7.89
C ASN A 103 -19.45 2.33 6.45
N GLU A 104 -20.26 1.77 5.57
CA GLU A 104 -19.78 1.53 4.25
C GLU A 104 -19.72 2.89 3.46
N THR A 105 -20.64 3.81 3.74
CA THR A 105 -20.60 5.10 3.09
C THR A 105 -19.34 5.84 3.55
N GLN A 106 -19.02 5.77 4.84
CA GLN A 106 -17.80 6.39 5.28
C GLN A 106 -16.58 5.80 4.56
N ALA A 107 -16.58 4.49 4.37
CA ALA A 107 -15.44 3.82 3.77
C ALA A 107 -15.31 4.28 2.30
N VAL A 108 -16.45 4.38 1.63
CA VAL A 108 -16.46 4.88 0.27
C VAL A 108 -15.90 6.32 0.21
N LEU A 109 -16.38 7.17 1.10
CA LEU A 109 -15.89 8.56 1.14
C LEU A 109 -14.46 8.73 1.53
N THR A 110 -13.91 7.89 2.42
CA THR A 110 -12.48 7.90 2.69
C THR A 110 -11.68 7.48 1.45
N ALA A 111 -12.20 6.47 0.77
CA ALA A 111 -11.52 6.01 -0.42
C ALA A 111 -11.49 7.13 -1.46
N ARG A 112 -12.58 7.86 -1.56
CA ARG A 112 -12.66 8.99 -2.47
C ARG A 112 -11.60 10.03 -2.15
N ASP A 113 -11.49 10.37 -0.89
CA ASP A 113 -10.50 11.31 -0.44
CA ASP A 113 -10.51 11.30 -0.45
C ASP A 113 -9.10 10.83 -0.83
N HIS A 114 -8.83 9.54 -0.57
CA HIS A 114 -7.52 8.98 -0.81
C HIS A 114 -7.20 8.96 -2.30
N VAL A 115 -8.21 8.69 -3.11
CA VAL A 115 -8.01 8.73 -4.59
C VAL A 115 -7.52 10.11 -5.04
N HIS A 116 -8.19 11.17 -4.60
CA HIS A 116 -7.79 12.51 -4.95
C HIS A 116 -6.44 12.83 -4.46
N LYS A 117 -6.13 12.46 -3.23
CA LYS A 117 -4.80 12.70 -2.68
C LYS A 117 -3.70 11.97 -3.46
N HIS A 118 -3.89 10.69 -3.75
CA HIS A 118 -2.91 9.92 -4.54
C HIS A 118 -2.79 10.53 -5.94
N ARG A 119 -3.89 10.99 -6.48
CA ARG A 119 -3.85 11.58 -7.80
C ARG A 119 -3.08 12.88 -7.79
N ALA A 120 -3.28 13.72 -6.77
CA ALA A 120 -2.49 14.93 -6.66
C ALA A 120 -1.01 14.64 -6.52
N ALA A 121 -0.65 13.58 -5.78
CA ALA A 121 0.76 13.22 -5.64
C ALA A 121 1.34 12.66 -6.95
N ALA A 122 0.55 11.86 -7.65
CA ALA A 122 0.98 11.41 -8.98
C ALA A 122 1.28 12.54 -9.93
N LEU A 123 0.44 13.58 -9.86
CA LEU A 123 0.57 14.75 -10.71
C LEU A 123 1.79 15.55 -10.40
N GLN A 124 1.96 15.84 -9.12
CA GLN A 124 3.18 16.51 -8.67
C GLN A 124 4.47 15.68 -8.98
N GLY A 125 4.41 14.37 -8.82
CA GLY A 125 5.53 13.48 -9.14
C GLY A 125 5.84 13.57 -10.65
N TRP A 126 4.79 13.60 -11.46
CA TRP A 126 4.96 13.72 -12.92
C TRP A 126 5.64 15.03 -13.28
N SER A 127 5.09 16.11 -12.72
CA SER A 127 5.63 17.44 -12.93
C SER A 127 7.10 17.52 -12.48
N ASP A 128 7.45 17.00 -11.29
CA ASP A 128 8.88 17.03 -10.86
C ASP A 128 9.73 16.19 -11.78
N ALA A 129 9.19 15.01 -12.19
CA ALA A 129 9.95 14.11 -13.07
C ALA A 129 10.26 14.73 -14.40
N LYS A 130 9.29 15.46 -14.96
CA LYS A 130 9.46 16.14 -16.22
C LYS A 130 10.47 17.29 -16.08
N GLU A 131 10.33 18.06 -15.00
CA GLU A 131 11.23 19.21 -14.76
C GLU A 131 12.67 18.66 -14.73
N LYS A 132 12.90 17.66 -13.89
CA LYS A 132 14.21 17.08 -13.79
C LYS A 132 14.69 16.36 -15.08
N GLY A 133 13.79 15.57 -15.71
CA GLY A 133 14.13 14.73 -16.84
C GLY A 133 14.48 15.52 -18.05
N ASP A 134 13.65 16.52 -18.36
CA ASP A 134 13.93 17.38 -19.50
C ASP A 134 15.28 18.14 -19.30
N ALA A 135 15.53 18.63 -18.10
CA ALA A 135 16.81 19.39 -17.84
C ALA A 135 18.04 18.43 -17.95
N ALA A 136 17.95 17.22 -17.38
CA ALA A 136 19.05 16.25 -17.47
C ALA A 136 19.29 15.81 -18.93
N ALA A 137 18.22 15.72 -19.70
CA ALA A 137 18.39 15.42 -21.10
C ALA A 137 19.07 16.53 -21.88
N GLU A 138 18.74 17.77 -21.53
CA GLU A 138 19.50 18.91 -22.06
C GLU A 138 20.97 18.86 -21.75
N ASP A 139 21.33 18.49 -20.54
CA ASP A 139 22.75 18.34 -20.20
C ASP A 139 23.47 17.28 -21.05
N VAL A 140 22.83 16.10 -21.22
CA VAL A 140 23.37 15.14 -22.08
C VAL A 140 23.56 15.69 -23.48
N TRP A 141 22.64 16.49 -23.98
CA TRP A 141 22.66 16.96 -25.36
C TRP A 141 23.83 17.93 -25.56
N VAL A 142 24.27 18.58 -24.50
CA VAL A 142 25.53 19.37 -24.58
C VAL A 142 26.64 18.49 -25.05
N LEU A 143 26.75 17.30 -24.46
CA LEU A 143 27.85 16.38 -24.83
C LEU A 143 27.62 15.79 -26.21
N LEU A 144 26.36 15.42 -26.50
CA LEU A 144 26.08 14.85 -27.81
C LEU A 144 26.37 15.85 -28.93
N ASN A 145 25.92 17.07 -28.77
CA ASN A 145 26.16 18.08 -29.79
C ASN A 145 27.63 18.32 -29.94
N ALA A 146 28.37 18.41 -28.84
CA ALA A 146 29.86 18.56 -28.91
C ALA A 146 30.49 17.40 -29.58
N ALA A 147 29.92 16.22 -29.41
CA ALA A 147 30.48 15.06 -30.05
C ALA A 147 30.34 14.99 -31.57
N LYS A 148 29.54 15.86 -32.17
CA LYS A 148 29.47 15.91 -33.62
C LYS A 148 30.76 16.51 -34.25
N LYS A 149 31.60 17.17 -33.47
CA LYS A 149 32.77 17.88 -34.01
C LYS A 149 33.97 17.50 -33.14
N GLY A 150 35.17 17.60 -33.68
CA GLY A 150 36.37 17.63 -32.89
C GLY A 150 37.11 16.35 -33.07
N ASN A 151 37.81 15.88 -32.05
CA ASN A 151 38.77 14.81 -32.29
C ASN A 151 38.28 13.44 -31.88
N GLY A 152 36.96 13.30 -31.72
CA GLY A 152 36.35 11.98 -31.61
C GLY A 152 36.46 11.25 -32.93
N SER A 153 36.16 9.97 -32.91
CA SER A 153 36.23 9.19 -34.13
C SER A 153 35.12 9.59 -35.09
N ALA A 154 35.33 9.38 -36.38
CA ALA A 154 34.27 9.54 -37.41
C ALA A 154 32.99 8.74 -37.04
N ASP A 155 33.15 7.57 -36.44
CA ASP A 155 31.98 6.77 -36.03
C ASP A 155 31.22 7.39 -34.83
N VAL A 156 31.96 8.00 -33.93
CA VAL A 156 31.34 8.74 -32.85
C VAL A 156 30.53 9.91 -33.38
N LYS A 157 31.13 10.68 -34.29
CA LYS A 157 30.44 11.84 -34.82
C LYS A 157 29.18 11.44 -35.59
N ALA A 158 29.29 10.42 -36.40
CA ALA A 158 28.13 9.94 -37.19
C ALA A 158 26.98 9.47 -36.28
N ALA A 159 27.32 8.68 -35.26
CA ALA A 159 26.33 8.30 -34.26
C ALA A 159 25.65 9.51 -33.58
N ALA A 160 26.43 10.54 -33.25
CA ALA A 160 25.87 11.72 -32.64
C ALA A 160 24.91 12.42 -33.60
N GLU A 161 25.30 12.45 -34.90
CA GLU A 161 24.45 13.05 -35.98
C GLU A 161 23.11 12.35 -36.17
N LYS A 162 23.14 11.06 -35.97
CA LYS A 162 21.97 10.29 -36.09
C LYS A 162 21.06 10.31 -34.91
N CYS A 163 21.54 10.74 -33.75
CA CYS A 163 20.74 10.52 -32.51
C CYS A 163 19.48 11.40 -32.57
N SER A 164 18.30 10.81 -32.47
CA SER A 164 17.07 11.59 -32.26
C SER A 164 16.90 12.05 -30.78
N ARG A 165 16.14 13.10 -30.57
CA ARG A 165 15.69 13.50 -29.25
C ARG A 165 14.83 12.48 -28.52
N TYR A 166 14.05 11.68 -29.26
CA TYR A 166 12.99 10.93 -28.68
C TYR A 166 13.27 9.41 -28.73
N SER A 167 12.87 8.70 -27.71
CA SER A 167 12.82 7.25 -27.73
C SER A 167 11.71 6.81 -28.71
N SER A 168 11.81 5.61 -29.26
CA SER A 168 10.66 5.06 -30.03
C SER A 168 9.63 4.26 -29.24
N SER A 169 9.87 3.98 -27.95
CA SER A 169 8.82 3.49 -27.08
C SER A 169 8.88 4.06 -25.72
N SER A 170 7.86 3.70 -24.97
CA SER A 170 7.69 4.12 -23.60
C SER A 170 8.87 3.69 -22.70
N THR A 171 9.15 4.49 -21.69
CA THR A 171 10.15 4.10 -20.69
C THR A 171 9.48 3.39 -19.48
N SER A 172 10.26 3.01 -18.51
CA SER A 172 9.80 2.40 -17.31
C SER A 172 10.90 2.54 -16.32
N GLU A 173 10.63 2.17 -15.09
CA GLU A 173 11.65 2.14 -14.06
C GLU A 173 12.86 1.29 -14.50
N THR A 174 12.57 0.11 -15.03
CA THR A 174 13.61 -0.83 -15.52
C THR A 174 14.42 -0.30 -16.72
N GLU A 175 13.76 0.30 -17.67
CA GLU A 175 14.46 0.80 -18.84
C GLU A 175 15.27 2.05 -18.51
N LEU A 176 14.70 2.93 -17.72
CA LEU A 176 15.42 4.14 -17.37
C LEU A 176 16.65 3.72 -16.58
N GLN A 177 16.46 2.81 -15.60
CA GLN A 177 17.56 2.41 -14.78
C GLN A 177 18.67 1.73 -15.59
N LYS A 178 18.29 0.92 -16.57
CA LYS A 178 19.19 0.26 -17.51
C LYS A 178 20.05 1.25 -18.27
N ALA A 179 19.41 2.36 -18.68
CA ALA A 179 20.11 3.40 -19.42
C ALA A 179 21.09 4.15 -18.52
N ILE A 180 20.64 4.40 -17.30
CA ILE A 180 21.48 5.08 -16.37
C ILE A 180 22.71 4.24 -16.03
N ASP A 181 22.47 2.96 -15.78
CA ASP A 181 23.51 2.02 -15.39
C ASP A 181 24.50 1.89 -16.55
N ALA A 182 24.03 1.85 -17.80
CA ALA A 182 24.95 1.74 -18.94
C ALA A 182 25.85 2.96 -19.04
N ALA A 183 25.29 4.11 -18.71
CA ALA A 183 26.00 5.38 -18.82
C ALA A 183 26.97 5.60 -17.66
N ALA A 184 26.87 4.78 -16.61
CA ALA A 184 27.80 4.84 -15.49
C ALA A 184 29.23 4.61 -15.96
N ASN A 185 29.40 3.87 -17.03
CA ASN A 185 30.72 3.58 -17.57
C ASN A 185 31.39 4.80 -18.26
N VAL A 186 30.64 5.88 -18.51
CA VAL A 186 31.04 6.90 -19.48
C VAL A 186 31.47 8.16 -18.77
N GLY A 187 32.74 8.50 -18.91
CA GLY A 187 33.30 9.60 -18.11
C GLY A 187 32.51 10.91 -18.15
N GLY A 188 32.25 11.48 -19.33
CA GLY A 188 31.55 12.76 -19.34
C GLY A 188 30.13 12.74 -18.78
N LEU A 189 29.48 11.59 -18.74
CA LEU A 189 28.07 11.56 -18.38
C LEU A 189 28.00 11.39 -16.94
N SER A 190 29.10 10.95 -16.36
CA SER A 190 29.16 10.54 -14.96
C SER A 190 29.08 11.76 -14.08
N ALA A 191 29.41 12.94 -14.63
CA ALA A 191 29.23 14.19 -13.88
C ALA A 191 27.75 14.43 -13.50
N HIS A 192 26.81 13.94 -14.30
CA HIS A 192 25.39 14.15 -14.00
C HIS A 192 24.72 13.02 -13.22
N LYS A 193 25.49 12.10 -12.60
CA LYS A 193 24.84 10.87 -12.02
C LYS A 193 23.75 11.07 -11.01
N SER A 194 23.95 12.10 -10.18
CA SER A 194 22.95 12.39 -9.17
C SER A 194 21.70 12.94 -9.83
N LYS A 195 21.85 13.78 -10.87
CA LYS A 195 20.66 14.25 -11.58
C LYS A 195 19.83 13.00 -12.05
N TYR A 196 20.50 12.01 -12.67
CA TYR A 196 19.82 10.85 -13.21
C TYR A 196 19.03 10.11 -12.15
N GLY A 197 19.66 9.84 -11.01
CA GLY A 197 19.02 9.26 -9.86
C GLY A 197 17.72 9.90 -9.41
N ASP A 198 17.73 11.21 -9.35
CA ASP A 198 16.57 11.96 -8.83
C ASP A 198 15.43 11.84 -9.83
N VAL A 199 15.76 11.82 -11.11
CA VAL A 199 14.71 11.63 -12.17
C VAL A 199 14.01 10.30 -11.97
N LEU A 200 14.82 9.25 -11.81
CA LEU A 200 14.27 7.94 -11.59
C LEU A 200 13.44 7.88 -10.31
N ASN A 201 13.88 8.53 -9.23
CA ASN A 201 13.10 8.50 -7.98
CA ASN A 201 13.12 8.51 -7.99
C ASN A 201 11.73 9.15 -8.19
N LYS A 202 11.70 10.29 -8.90
CA LYS A 202 10.41 10.93 -9.17
C LYS A 202 9.48 10.09 -10.07
N PHE A 203 10.06 9.42 -11.09
CA PHE A 203 9.32 8.45 -11.89
C PHE A 203 8.69 7.40 -11.03
N LYS A 204 9.47 6.82 -10.11
CA LYS A 204 8.92 5.78 -9.22
C LYS A 204 7.83 6.25 -8.35
N LEU A 205 8.01 7.42 -7.80
CA LEU A 205 7.01 7.98 -6.92
C LEU A 205 5.66 8.23 -7.62
N SER A 206 5.72 8.77 -8.85
CA SER A 206 4.53 9.10 -9.62
C SER A 206 3.81 7.84 -9.95
N ASN A 207 4.60 6.87 -10.42
CA ASN A 207 4.05 5.59 -10.80
C ASN A 207 3.40 4.83 -9.63
N ALA A 208 4.04 4.85 -8.47
CA ALA A 208 3.50 4.26 -7.29
C ALA A 208 2.20 4.97 -6.88
N SER A 209 2.15 6.29 -6.96
CA SER A 209 0.93 6.99 -6.64
C SER A 209 -0.20 6.56 -7.56
N VAL A 210 0.12 6.37 -8.84
CA VAL A 210 -0.93 5.90 -9.76
C VAL A 210 -1.44 4.50 -9.40
N GLY A 211 -0.54 3.60 -8.99
CA GLY A 211 -0.95 2.32 -8.49
C GLY A 211 -1.86 2.44 -7.26
N ALA A 212 -1.56 3.36 -6.35
CA ALA A 212 -2.39 3.60 -5.17
C ALA A 212 -3.79 4.13 -5.54
N VAL A 213 -3.85 5.01 -6.53
CA VAL A 213 -5.14 5.46 -7.02
C VAL A 213 -5.97 4.24 -7.45
N ARG A 214 -5.38 3.37 -8.28
CA ARG A 214 -6.15 2.25 -8.80
C ARG A 214 -6.60 1.29 -7.69
N ASP A 215 -5.73 0.99 -6.74
CA ASP A 215 -6.09 0.04 -5.67
C ASP A 215 -7.09 0.67 -4.77
N THR A 216 -6.87 1.94 -4.43
CA THR A 216 -7.83 2.65 -3.60
C THR A 216 -9.21 2.70 -4.21
N SER A 217 -9.24 2.98 -5.49
CA SER A 217 -10.48 3.09 -6.19
C SER A 217 -11.21 1.71 -6.25
N GLY A 218 -10.47 0.63 -6.38
CA GLY A 218 -11.05 -0.73 -6.38
C GLY A 218 -11.69 -1.05 -5.04
N ARG A 219 -11.01 -0.67 -3.95
CA ARG A 219 -11.59 -0.88 -2.62
C ARG A 219 -12.84 -0.05 -2.43
N GLY A 220 -12.79 1.21 -2.87
CA GLY A 220 -13.96 2.05 -2.90
C GLY A 220 -15.16 1.45 -3.57
N GLY A 221 -14.97 0.92 -4.76
CA GLY A 221 -16.04 0.24 -5.50
C GLY A 221 -16.66 -0.91 -4.75
N LYS A 222 -15.82 -1.69 -4.07
CA LYS A 222 -16.36 -2.86 -3.28
C LYS A 222 -17.17 -2.36 -2.10
N HIS A 223 -16.71 -1.31 -1.42
CA HIS A 223 -17.55 -0.69 -0.40
C HIS A 223 -18.85 -0.16 -1.00
N MET A 224 -18.80 0.47 -2.16
CA MET A 224 -19.99 1.00 -2.73
C MET A 224 -21.03 -0.05 -3.11
N GLU A 225 -20.59 -1.23 -3.53
CA GLU A 225 -21.53 -2.34 -3.73
C GLU A 225 -22.28 -2.64 -2.47
N LYS A 226 -21.61 -2.61 -1.32
CA LYS A 226 -22.32 -2.93 -0.07
C LYS A 226 -23.27 -1.80 0.29
N VAL A 227 -22.82 -0.56 0.03
CA VAL A 227 -23.71 0.59 0.22
C VAL A 227 -25.00 0.42 -0.58
N ASN A 228 -24.85 0.08 -1.85
CA ASN A 228 -26.04 -0.08 -2.70
C ASN A 228 -26.96 -1.17 -2.18
N ASN A 229 -26.40 -2.27 -1.71
CA ASN A 229 -27.22 -3.39 -1.18
C ASN A 229 -28.00 -3.00 0.10
N VAL A 230 -27.30 -2.43 1.06
CA VAL A 230 -27.94 -2.00 2.28
C VAL A 230 -28.87 -0.82 2.17
N ALA A 231 -28.58 0.11 1.27
CA ALA A 231 -29.53 1.20 0.96
C ALA A 231 -30.89 0.70 0.49
N LYS A 232 -30.88 -0.32 -0.36
CA LYS A 232 -32.13 -0.89 -0.82
C LYS A 232 -32.90 -1.56 0.30
N LEU A 233 -32.21 -2.31 1.16
CA LEU A 233 -32.86 -2.95 2.29
C LEU A 233 -33.51 -1.91 3.22
N LEU A 234 -32.87 -0.76 3.41
CA LEU A 234 -33.47 0.26 4.27
C LEU A 234 -34.74 0.89 3.65
N LYS A 235 -34.65 1.29 2.38
CA LYS A 235 -35.77 1.86 1.64
C LYS A 235 -36.91 0.89 1.66
N ASP A 236 -36.60 -0.38 1.40
CA ASP A 236 -37.67 -1.41 1.40
C ASP A 236 -38.35 -1.51 2.78
N ALA A 237 -37.65 -1.21 3.87
CA ALA A 237 -38.24 -1.34 5.20
C ALA A 237 -39.05 -0.13 5.67
N GLU A 238 -39.07 0.92 4.86
CA GLU A 238 -39.55 2.20 5.30
C GLU A 238 -41.00 2.14 5.82
N VAL A 239 -41.87 1.49 5.09
CA VAL A 239 -43.26 1.46 5.52
C VAL A 239 -43.44 0.68 6.83
N SER A 240 -42.78 -0.48 6.98
CA SER A 240 -42.92 -1.25 8.22
C SER A 240 -42.22 -0.52 9.38
N LEU A 241 -41.14 0.18 9.09
CA LEU A 241 -40.52 1.03 10.13
C LEU A 241 -41.43 2.17 10.61
N ALA A 242 -42.12 2.83 9.70
CA ALA A 242 -43.11 3.86 10.13
C ALA A 242 -44.24 3.29 10.99
N ALA A 243 -44.74 2.13 10.60
CA ALA A 243 -45.72 1.43 11.45
C ALA A 243 -45.15 1.10 12.84
N ALA A 244 -43.94 0.55 12.89
CA ALA A 244 -43.31 0.25 14.18
C ALA A 244 -43.14 1.49 15.06
N ALA A 245 -42.70 2.58 14.43
CA ALA A 245 -42.55 3.82 15.20
C ALA A 245 -43.89 4.25 15.86
N ALA A 246 -44.99 4.18 15.10
CA ALA A 246 -46.30 4.57 15.67
C ALA A 246 -46.70 3.63 16.80
N GLU A 247 -46.49 2.33 16.62
CA GLU A 247 -46.89 1.35 17.61
C GLU A 247 -46.15 1.56 18.91
N ILE A 248 -44.83 1.73 18.83
CA ILE A 248 -44.06 1.86 20.06
C ILE A 248 -44.33 3.22 20.71
N GLU A 249 -44.62 4.23 19.90
CA GLU A 249 -45.09 5.53 20.48
C GLU A 249 -46.38 5.37 21.30
N GLU A 250 -47.31 4.55 20.79
CA GLU A 250 -48.55 4.27 21.47
C GLU A 250 -48.26 3.52 22.74
N VAL A 251 -47.36 2.53 22.66
CA VAL A 251 -47.02 1.79 23.85
C VAL A 251 -46.48 2.71 24.88
N LYS A 252 -45.56 3.55 24.45
CA LYS A 252 -44.91 4.49 25.36
C LYS A 252 -45.96 5.46 25.98
N ASN A 253 -46.91 5.90 25.15
CA ASN A 253 -47.97 6.83 25.62
C ASN A 253 -48.91 6.19 26.61
N ALA A 254 -49.19 4.91 26.43
CA ALA A 254 -50.00 4.20 27.37
C ALA A 254 -49.31 4.09 28.70
N HIS A 255 -48.03 3.73 28.71
CA HIS A 255 -47.32 3.65 30.00
C HIS A 255 -47.17 5.01 30.68
N GLU A 256 -47.05 6.09 29.90
CA GLU A 256 -46.94 7.46 30.48
C GLU A 256 -48.22 7.75 31.21
N THR A 257 -49.35 7.51 30.54
CA THR A 257 -50.67 7.86 31.10
C THR A 257 -51.01 6.92 32.26
N LYS A 258 -50.51 5.68 32.24
CA LYS A 258 -50.73 4.79 33.40
C LYS A 258 -50.00 5.31 34.62
N VAL A 259 -48.81 5.85 34.43
CA VAL A 259 -48.00 6.34 35.55
C VAL A 259 -48.54 7.68 36.05
N GLN A 260 -48.90 8.59 35.14
CA GLN A 260 -49.55 9.84 35.56
C GLN A 260 -50.75 9.55 36.43
N GLU A 261 -51.61 8.69 35.94
CA GLU A 261 -52.90 8.46 36.57
C GLU A 261 -52.73 7.68 37.88
N GLU A 262 -51.63 6.95 38.01
CA GLU A 262 -51.31 6.28 39.28
C GLU A 262 -50.61 7.12 40.37
N MET A 263 -49.93 8.21 40.01
CA MET A 263 -49.06 8.90 40.98
C MET A 263 -49.82 9.31 42.24
N GLU B 3 -27.61 3.39 33.47
CA GLU B 3 -26.49 2.81 34.26
C GLU B 3 -26.49 1.28 34.36
N GLY B 4 -27.64 0.63 34.56
CA GLY B 4 -27.75 -0.84 34.55
C GLY B 4 -28.27 -1.39 33.21
N LEU B 5 -28.13 -2.68 33.00
CA LEU B 5 -28.78 -3.36 31.90
C LEU B 5 -30.10 -3.95 32.43
N LYS B 6 -31.24 -3.49 31.90
CA LYS B 6 -32.51 -3.94 32.50
C LYS B 6 -33.36 -4.84 31.64
N THR B 7 -33.08 -4.86 30.33
CA THR B 7 -33.81 -5.73 29.45
C THR B 7 -32.93 -6.87 28.96
N LYS B 8 -33.58 -7.91 28.51
CA LYS B 8 -32.89 -8.98 27.87
C LYS B 8 -32.07 -8.47 26.67
N ASP B 9 -32.68 -7.59 25.89
CA ASP B 9 -32.06 -7.06 24.69
C ASP B 9 -30.73 -6.33 25.05
N GLU B 10 -30.76 -5.48 26.06
CA GLU B 10 -29.55 -4.79 26.50
C GLU B 10 -28.49 -5.81 26.97
N VAL B 11 -28.90 -6.82 27.75
CA VAL B 11 -27.98 -7.78 28.26
C VAL B 11 -27.32 -8.58 27.11
N GLU B 12 -28.08 -8.97 26.11
CA GLU B 12 -27.51 -9.74 25.02
C GLU B 12 -26.58 -8.88 24.18
N LYS B 13 -26.94 -7.62 23.98
CA LYS B 13 -26.04 -6.74 23.19
C LYS B 13 -24.75 -6.54 23.99
N ALA B 14 -24.84 -6.42 25.33
CA ALA B 14 -23.65 -6.27 26.19
C ALA B 14 -22.80 -7.54 26.18
N CYS B 15 -23.47 -8.68 26.25
CA CYS B 15 -22.80 -9.96 26.26
C CYS B 15 -22.01 -10.18 24.99
N HIS B 16 -22.68 -9.98 23.87
CA HIS B 16 -22.03 -10.17 22.58
C HIS B 16 -20.82 -9.21 22.44
N LEU B 17 -21.00 -7.96 22.83
CA LEU B 17 -19.88 -7.00 22.75
C LEU B 17 -18.71 -7.42 23.61
N ALA B 18 -18.96 -7.82 24.83
CA ALA B 18 -17.92 -8.31 25.74
C ALA B 18 -17.10 -9.48 25.20
N GLN B 19 -17.82 -10.42 24.60
CA GLN B 19 -17.20 -11.55 23.95
C GLN B 19 -16.34 -11.17 22.75
N GLN B 20 -16.90 -10.30 21.91
CA GLN B 20 -16.10 -9.82 20.77
C GLN B 20 -14.84 -9.03 21.21
N LEU B 21 -14.96 -8.17 22.22
CA LEU B 21 -13.79 -7.42 22.69
C LEU B 21 -12.65 -8.34 23.21
N LYS B 22 -13.04 -9.35 23.97
CA LYS B 22 -12.10 -10.34 24.49
C LYS B 22 -11.56 -11.16 23.34
N GLU B 23 -12.34 -11.35 22.31
CA GLU B 23 -11.90 -12.15 21.17
C GLU B 23 -10.85 -11.44 20.29
N VAL B 24 -10.81 -10.10 20.39
CA VAL B 24 -9.84 -9.33 19.63
C VAL B 24 -8.42 -9.89 19.76
N SER B 25 -7.94 -10.09 20.99
CA SER B 25 -6.56 -10.56 21.20
C SER B 25 -6.34 -11.95 20.63
N ILE B 26 -7.33 -12.81 20.73
CA ILE B 26 -7.20 -14.18 20.21
C ILE B 26 -7.14 -14.20 18.65
N THR B 27 -8.09 -13.54 18.00
CA THR B 27 -8.14 -13.50 16.58
C THR B 27 -6.90 -12.84 16.02
N LEU B 28 -6.47 -11.75 16.62
CA LEU B 28 -5.31 -11.03 16.13
C LEU B 28 -4.03 -11.83 16.28
N GLY B 29 -3.96 -12.66 17.30
CA GLY B 29 -2.81 -13.52 17.46
C GLY B 29 -2.73 -14.53 16.36
N VAL B 30 -3.86 -15.10 15.99
CA VAL B 30 -3.95 -16.00 14.85
C VAL B 30 -3.51 -15.32 13.53
N ILE B 31 -3.99 -14.12 13.31
CA ILE B 31 -3.60 -13.33 12.15
C ILE B 31 -2.08 -13.00 12.18
N TYR B 32 -1.57 -12.54 13.32
CA TYR B 32 -0.15 -12.22 13.47
C TYR B 32 0.79 -13.40 13.17
N ARG B 33 0.38 -14.58 13.57
CA ARG B 33 1.23 -15.72 13.43
C ARG B 33 1.39 -16.11 11.96
N THR B 34 0.51 -15.62 11.10
CA THR B 34 0.72 -15.83 9.65
C THR B 34 1.92 -15.07 9.10
N THR B 35 2.48 -14.14 9.86
CA THR B 35 3.57 -13.33 9.36
C THR B 35 4.90 -14.01 9.57
N GLU B 36 4.95 -15.00 10.47
CA GLU B 36 6.24 -15.61 10.77
C GLU B 36 6.88 -16.21 9.50
N ARG B 37 6.10 -16.80 8.61
CA ARG B 37 6.64 -17.44 7.41
C ARG B 37 7.31 -16.43 6.50
N HIS B 38 6.82 -15.21 6.55
CA HIS B 38 7.37 -14.13 5.74
C HIS B 38 8.68 -13.62 6.36
N SER B 39 8.75 -13.57 7.70
CA SER B 39 10.02 -13.24 8.36
C SER B 39 11.11 -14.30 8.00
N VAL B 40 10.74 -15.57 8.05
CA VAL B 40 11.64 -16.65 7.64
C VAL B 40 12.09 -16.47 6.16
N GLN B 41 11.19 -16.12 5.26
CA GLN B 41 11.55 -15.93 3.83
C GLN B 41 12.55 -14.87 3.61
N VAL B 42 12.31 -13.69 4.20
CA VAL B 42 13.17 -12.50 4.04
C VAL B 42 14.60 -12.66 4.66
N GLU B 43 14.68 -13.40 5.76
CA GLU B 43 15.95 -13.85 6.28
C GLU B 43 16.63 -14.87 5.40
N ALA B 44 15.87 -15.81 4.82
CA ALA B 44 16.41 -16.67 3.81
C ALA B 44 16.95 -15.91 2.58
N HIS B 45 16.25 -14.86 2.15
CA HIS B 45 16.75 -14.07 1.01
C HIS B 45 18.08 -13.40 1.33
N LYS B 46 18.19 -12.85 2.53
CA LYS B 46 19.38 -12.15 2.92
C LYS B 46 20.61 -13.09 2.93
N THR B 47 20.46 -14.28 3.51
CA THR B 47 21.54 -15.29 3.47
C THR B 47 21.92 -15.71 2.05
N ALA B 48 20.92 -15.96 1.19
CA ALA B 48 21.17 -16.29 -0.18
C ALA B 48 21.85 -15.16 -0.97
N ILE B 49 21.48 -13.91 -0.68
CA ILE B 49 22.21 -12.75 -1.26
C ILE B 49 23.68 -12.61 -0.84
N ASP B 50 23.96 -12.88 0.41
CA ASP B 50 25.38 -12.86 0.91
C ASP B 50 26.15 -13.93 0.20
N LYS B 51 25.58 -15.12 0.09
CA LYS B 51 26.25 -16.19 -0.66
C LYS B 51 26.43 -15.87 -2.16
N HIS B 52 25.40 -15.30 -2.82
CA HIS B 52 25.56 -14.87 -4.24
C HIS B 52 26.68 -13.82 -4.36
N ALA B 53 26.70 -12.87 -3.43
CA ALA B 53 27.75 -11.82 -3.49
C ALA B 53 29.14 -12.41 -3.44
N ASP B 54 29.34 -13.41 -2.59
CA ASP B 54 30.62 -14.16 -2.56
C ASP B 54 30.89 -14.87 -3.89
N ALA B 55 29.85 -15.56 -4.42
CA ALA B 55 30.02 -16.41 -5.58
C ALA B 55 30.31 -15.61 -6.86
N VAL B 56 29.74 -14.40 -6.95
CA VAL B 56 30.00 -13.50 -8.13
C VAL B 56 31.23 -12.61 -8.00
N SER B 57 31.93 -12.66 -6.87
CA SER B 57 32.90 -11.60 -6.66
C SER B 57 34.09 -11.72 -7.62
N ARG B 58 34.46 -12.89 -8.05
CA ARG B 58 35.54 -12.97 -9.05
C ARG B 58 35.15 -12.42 -10.41
N ALA B 59 33.90 -12.68 -10.84
CA ALA B 59 33.34 -12.00 -12.00
C ALA B 59 33.37 -10.50 -11.85
N VAL B 60 32.95 -10.00 -10.70
CA VAL B 60 32.95 -8.56 -10.50
C VAL B 60 34.34 -7.97 -10.53
N GLU B 61 35.32 -8.68 -9.95
CA GLU B 61 36.67 -8.20 -9.96
C GLU B 61 37.23 -8.15 -11.40
N ALA B 62 36.96 -9.16 -12.23
CA ALA B 62 37.33 -9.09 -13.65
C ALA B 62 36.68 -7.94 -14.38
N LEU B 63 35.38 -7.74 -14.17
CA LEU B 63 34.74 -6.55 -14.75
C LEU B 63 35.38 -5.26 -14.37
N THR B 64 35.70 -5.13 -13.09
CA THR B 64 36.35 -3.90 -12.64
C THR B 64 37.67 -3.70 -13.35
N ARG B 65 38.43 -4.79 -13.50
CA ARG B 65 39.73 -4.71 -14.19
C ARG B 65 39.55 -4.20 -15.62
N VAL B 66 38.53 -4.73 -16.31
CA VAL B 66 38.18 -4.24 -17.64
C VAL B 66 37.87 -2.75 -17.65
N ASP B 67 37.02 -2.28 -16.74
CA ASP B 67 36.59 -0.92 -16.75
C ASP B 67 37.79 0.00 -16.45
N VAL B 68 38.65 -0.40 -15.49
CA VAL B 68 39.91 0.34 -15.23
C VAL B 68 40.83 0.49 -16.46
N ALA B 69 41.07 -0.61 -17.12
CA ALA B 69 41.90 -0.63 -18.32
C ALA B 69 41.26 0.21 -19.43
N LEU B 70 39.92 0.12 -19.61
CA LEU B 70 39.21 0.96 -20.59
C LEU B 70 39.33 2.45 -20.30
N GLN B 71 39.20 2.80 -19.04
CA GLN B 71 39.43 4.19 -18.64
C GLN B 71 40.80 4.72 -19.04
N ARG B 72 41.81 3.92 -18.78
CA ARG B 72 43.14 4.29 -19.12
C ARG B 72 43.32 4.41 -20.63
N LEU B 73 42.74 3.47 -21.39
CA LEU B 73 42.74 3.64 -22.85
C LEU B 73 42.03 4.95 -23.34
N LYS B 74 40.90 5.31 -22.75
CA LYS B 74 40.25 6.62 -23.05
C LYS B 74 41.21 7.75 -22.81
N GLU B 75 41.93 7.69 -21.68
CA GLU B 75 42.87 8.75 -21.39
C GLU B 75 43.98 8.86 -22.38
N LEU B 76 44.45 7.73 -22.90
CA LEU B 76 45.47 7.72 -23.92
C LEU B 76 44.92 8.05 -25.31
N GLY B 77 43.63 8.29 -25.43
CA GLY B 77 43.02 8.48 -26.74
C GLY B 77 42.99 7.22 -27.61
N LYS B 78 42.95 6.02 -27.02
CA LYS B 78 42.92 4.81 -27.85
C LYS B 78 41.72 3.89 -27.52
N ALA B 79 40.65 4.47 -26.99
CA ALA B 79 39.44 3.68 -26.65
C ALA B 79 38.72 3.17 -27.91
N ASN B 80 39.10 3.73 -29.08
CA ASN B 80 38.59 3.26 -30.37
C ASN B 80 39.43 2.14 -30.97
N ASP B 81 40.48 1.70 -30.29
CA ASP B 81 41.19 0.48 -30.67
C ASP B 81 40.23 -0.64 -30.92
N THR B 82 40.34 -1.31 -32.06
CA THR B 82 39.29 -2.28 -32.45
C THR B 82 39.17 -3.48 -31.48
N LYS B 83 40.24 -3.84 -30.81
CA LYS B 83 40.19 -4.91 -29.81
C LYS B 83 39.45 -4.44 -28.56
N ALA B 84 39.72 -3.22 -28.16
CA ALA B 84 38.95 -2.61 -27.06
C ALA B 84 37.47 -2.54 -27.37
N VAL B 85 37.13 -2.13 -28.59
CA VAL B 85 35.73 -2.03 -29.00
C VAL B 85 35.04 -3.40 -28.86
N LYS B 86 35.75 -4.42 -29.29
CA LYS B 86 35.24 -5.80 -29.32
C LYS B 86 35.04 -6.35 -27.91
N ILE B 87 35.98 -6.03 -27.06
CA ILE B 87 35.91 -6.42 -25.66
C ILE B 87 34.75 -5.69 -24.93
N ILE B 88 34.55 -4.40 -25.20
CA ILE B 88 33.36 -3.75 -24.68
C ILE B 88 32.12 -4.48 -25.11
N GLU B 89 31.99 -4.78 -26.40
CA GLU B 89 30.80 -5.54 -26.87
C GLU B 89 30.62 -6.83 -26.12
N ASN B 90 31.70 -7.62 -26.01
CA ASN B 90 31.68 -8.96 -25.40
C ASN B 90 31.31 -8.94 -23.92
N ILE B 91 31.69 -7.87 -23.22
CA ILE B 91 31.41 -7.83 -21.78
C ILE B 91 30.14 -7.09 -21.45
N THR B 92 29.45 -6.51 -22.44
CA THR B 92 28.27 -5.72 -22.20
C THR B 92 27.16 -6.51 -21.46
N SER B 93 26.88 -7.75 -21.84
CA SER B 93 25.81 -8.49 -21.15
C SER B 93 26.16 -8.71 -19.67
N ALA B 94 27.42 -8.94 -19.36
CA ALA B 94 27.86 -9.06 -17.99
C ALA B 94 27.70 -7.76 -17.20
N ARG B 95 28.08 -6.64 -17.82
CA ARG B 95 27.89 -5.36 -17.20
C ARG B 95 26.44 -5.13 -16.90
N GLU B 96 25.59 -5.44 -17.85
CA GLU B 96 24.17 -5.30 -17.64
C GLU B 96 23.70 -6.21 -16.48
N ASN B 97 24.17 -7.48 -16.47
CA ASN B 97 23.78 -8.44 -15.40
C ASN B 97 24.24 -7.99 -14.00
N LEU B 98 25.39 -7.37 -13.92
CA LEU B 98 25.87 -6.88 -12.65
C LEU B 98 24.98 -5.77 -12.16
N ALA B 99 24.65 -4.83 -13.04
CA ALA B 99 23.78 -3.72 -12.61
C ALA B 99 22.48 -4.28 -12.12
N LEU B 100 21.93 -5.24 -12.83
CA LEU B 100 20.67 -5.81 -12.43
C LEU B 100 20.79 -6.55 -11.10
N PHE B 101 21.90 -7.25 -10.91
CA PHE B 101 22.14 -7.94 -9.64
C PHE B 101 22.16 -6.96 -8.50
N ASN B 102 22.83 -5.83 -8.69
CA ASN B 102 22.87 -4.81 -7.67
C ASN B 102 21.50 -4.23 -7.41
N ASN B 103 20.76 -3.91 -8.47
CA ASN B 103 19.42 -3.35 -8.30
C ASN B 103 18.41 -4.30 -7.68
N GLU B 104 18.40 -5.54 -8.13
CA GLU B 104 17.45 -6.50 -7.61
C GLU B 104 17.79 -6.91 -6.17
N THR B 105 19.08 -7.06 -5.84
CA THR B 105 19.46 -7.34 -4.44
C THR B 105 19.06 -6.16 -3.52
N GLN B 106 19.27 -4.93 -3.97
CA GLN B 106 18.86 -3.79 -3.17
C GLN B 106 17.31 -3.79 -2.99
N ALA B 107 16.58 -4.19 -4.01
CA ALA B 107 15.09 -4.24 -3.88
C ALA B 107 14.67 -5.36 -2.88
N VAL B 108 15.36 -6.48 -2.94
CA VAL B 108 15.14 -7.59 -1.97
C VAL B 108 15.41 -7.15 -0.57
N LEU B 109 16.52 -6.47 -0.36
CA LEU B 109 16.84 -6.00 0.97
C LEU B 109 15.95 -4.92 1.48
N THR B 110 15.45 -4.03 0.62
CA THR B 110 14.44 -3.06 1.06
C THR B 110 13.16 -3.75 1.49
N ALA B 111 12.74 -4.74 0.70
CA ALA B 111 11.56 -5.47 1.03
C ALA B 111 11.71 -6.19 2.36
N ARG B 112 12.90 -6.71 2.62
CA ARG B 112 13.19 -7.33 3.92
C ARG B 112 12.97 -6.36 5.04
N ASP B 113 13.56 -5.17 4.93
CA ASP B 113 13.45 -4.13 5.95
C ASP B 113 11.97 -3.77 6.18
N HIS B 114 11.24 -3.64 5.08
CA HIS B 114 9.83 -3.25 5.15
C HIS B 114 8.99 -4.37 5.83
N VAL B 115 9.34 -5.62 5.55
CA VAL B 115 8.67 -6.74 6.21
C VAL B 115 8.80 -6.65 7.74
N HIS B 116 10.01 -6.40 8.22
CA HIS B 116 10.25 -6.38 9.63
C HIS B 116 9.59 -5.20 10.30
N LYS B 117 9.61 -4.04 9.65
CA LYS B 117 8.92 -2.89 10.11
C LYS B 117 7.39 -3.09 10.13
N HIS B 118 6.79 -3.65 9.08
CA HIS B 118 5.38 -3.93 9.10
C HIS B 118 5.06 -4.94 10.21
N ARG B 119 5.96 -5.88 10.45
CA ARG B 119 5.68 -6.93 11.43
C ARG B 119 5.72 -6.31 12.79
N ALA B 120 6.68 -5.43 13.06
CA ALA B 120 6.77 -4.79 14.34
C ALA B 120 5.55 -3.90 14.65
N ALA B 121 5.05 -3.20 13.65
CA ALA B 121 3.80 -2.49 13.77
C ALA B 121 2.58 -3.42 14.00
N ALA B 122 2.54 -4.53 13.34
CA ALA B 122 1.44 -5.48 13.54
C ALA B 122 1.41 -5.97 14.99
N LEU B 123 2.60 -6.19 15.54
CA LEU B 123 2.76 -6.71 16.87
C LEU B 123 2.37 -5.69 17.89
N GLN B 124 2.83 -4.46 17.71
CA GLN B 124 2.46 -3.38 18.57
C GLN B 124 0.94 -3.14 18.50
N GLY B 125 0.40 -3.21 17.30
CA GLY B 125 -1.06 -3.06 17.12
C GLY B 125 -1.81 -4.15 17.89
N TRP B 126 -1.29 -5.37 17.86
CA TRP B 126 -1.96 -6.52 18.52
C TRP B 126 -1.92 -6.31 20.03
N SER B 127 -0.76 -5.93 20.52
CA SER B 127 -0.56 -5.65 21.92
C SER B 127 -1.46 -4.52 22.42
N ASP B 128 -1.52 -3.40 21.71
CA ASP B 128 -2.47 -2.33 22.05
C ASP B 128 -3.95 -2.78 21.97
N ALA B 129 -4.30 -3.50 20.91
CA ALA B 129 -5.65 -4.00 20.76
C ALA B 129 -6.06 -4.89 21.93
N LYS B 130 -5.14 -5.75 22.38
CA LYS B 130 -5.43 -6.68 23.47
C LYS B 130 -5.60 -5.91 24.77
N GLU B 131 -4.68 -5.00 25.04
CA GLU B 131 -4.79 -4.27 26.31
C GLU B 131 -6.13 -3.47 26.35
N LYS B 132 -6.44 -2.76 25.29
CA LYS B 132 -7.69 -2.02 25.23
C LYS B 132 -8.93 -2.90 25.24
N GLY B 133 -8.86 -3.98 24.46
CA GLY B 133 -9.99 -4.90 24.31
C GLY B 133 -10.33 -5.62 25.59
N ASP B 134 -9.31 -6.15 26.23
CA ASP B 134 -9.48 -6.85 27.53
C ASP B 134 -10.04 -5.91 28.64
N ALA B 135 -9.53 -4.68 28.72
CA ALA B 135 -9.98 -3.71 29.68
C ALA B 135 -11.43 -3.31 29.42
N ALA B 136 -11.78 -3.05 28.18
CA ALA B 136 -13.15 -2.67 27.82
C ALA B 136 -14.12 -3.82 28.12
N ALA B 137 -13.70 -5.06 27.87
CA ALA B 137 -14.53 -6.23 28.17
C ALA B 137 -14.78 -6.34 29.69
N GLU B 138 -13.75 -6.08 30.49
CA GLU B 138 -13.92 -5.99 31.94
C GLU B 138 -14.96 -4.99 32.38
N ASP B 139 -14.96 -3.79 31.79
CA ASP B 139 -16.00 -2.80 32.11
C ASP B 139 -17.40 -3.26 31.78
N VAL B 140 -17.57 -3.90 30.61
CA VAL B 140 -18.84 -4.48 30.30
C VAL B 140 -19.25 -5.53 31.33
N TRP B 141 -18.32 -6.33 31.77
CA TRP B 141 -18.63 -7.42 32.78
C TRP B 141 -19.12 -6.89 34.13
N VAL B 142 -18.71 -5.68 34.50
CA VAL B 142 -19.25 -5.03 35.70
C VAL B 142 -20.76 -4.91 35.59
N LEU B 143 -21.25 -4.48 34.43
CA LEU B 143 -22.68 -4.39 34.21
C LEU B 143 -23.34 -5.76 34.10
N LEU B 144 -22.69 -6.70 33.42
CA LEU B 144 -23.30 -8.01 33.22
C LEU B 144 -23.45 -8.74 34.58
N ASN B 145 -22.42 -8.68 35.40
CA ASN B 145 -22.47 -9.28 36.73
C ASN B 145 -23.49 -8.60 37.60
N ALA B 146 -23.59 -7.28 37.56
CA ALA B 146 -24.68 -6.57 38.27
C ALA B 146 -26.04 -6.95 37.76
N ALA B 147 -26.15 -7.19 36.46
CA ALA B 147 -27.44 -7.47 35.87
C ALA B 147 -27.99 -8.83 36.30
N LYS B 148 -27.19 -9.64 36.97
CA LYS B 148 -27.70 -10.91 37.48
C LYS B 148 -28.60 -10.75 38.72
N LYS B 149 -28.57 -9.57 39.36
CA LYS B 149 -29.37 -9.30 40.54
C LYS B 149 -30.14 -8.03 40.34
N GLY B 150 -31.22 -7.89 41.08
CA GLY B 150 -31.75 -6.57 41.40
C GLY B 150 -32.93 -6.30 40.52
N ASN B 151 -32.91 -5.11 39.96
CA ASN B 151 -34.10 -4.40 39.54
C ASN B 151 -34.71 -4.93 38.21
N GLY B 152 -33.90 -5.56 37.37
CA GLY B 152 -34.25 -5.80 35.97
C GLY B 152 -35.13 -7.02 35.77
N SER B 153 -35.55 -7.28 34.53
CA SER B 153 -36.47 -8.39 34.32
C SER B 153 -35.81 -9.75 34.59
N ALA B 154 -36.63 -10.75 34.94
CA ALA B 154 -36.16 -12.10 35.05
C ALA B 154 -35.45 -12.59 33.78
N ASP B 155 -35.92 -12.14 32.62
CA ASP B 155 -35.24 -12.49 31.36
C ASP B 155 -33.86 -11.84 31.22
N VAL B 156 -33.74 -10.60 31.69
CA VAL B 156 -32.45 -9.91 31.73
C VAL B 156 -31.48 -10.69 32.61
N LYS B 157 -31.92 -11.08 33.80
CA LYS B 157 -31.02 -11.79 34.72
C LYS B 157 -30.61 -13.14 34.21
N ALA B 158 -31.54 -13.88 33.63
CA ALA B 158 -31.21 -15.21 33.04
C ALA B 158 -30.18 -15.07 31.91
N ALA B 159 -30.43 -14.13 31.01
CA ALA B 159 -29.45 -13.86 29.95
C ALA B 159 -28.09 -13.52 30.51
N ALA B 160 -28.04 -12.75 31.58
CA ALA B 160 -26.75 -12.39 32.16
C ALA B 160 -26.07 -13.64 32.75
N GLU B 161 -26.87 -14.51 33.39
CA GLU B 161 -26.40 -15.80 33.88
C GLU B 161 -25.83 -16.70 32.81
N LYS B 162 -26.45 -16.67 31.65
CA LYS B 162 -26.00 -17.49 30.56
C LYS B 162 -24.75 -17.00 29.88
N CYS B 163 -24.42 -15.71 30.00
CA CYS B 163 -23.36 -15.13 29.17
C CYS B 163 -21.96 -15.74 29.46
N SER B 164 -21.30 -16.35 28.48
CA SER B 164 -19.88 -16.75 28.65
C SER B 164 -18.94 -15.57 28.45
N ARG B 165 -17.75 -15.63 29.04
CA ARG B 165 -16.67 -14.66 28.74
C ARG B 165 -16.22 -14.65 27.26
N TYR B 166 -16.35 -15.80 26.58
CA TYR B 166 -15.63 -16.02 25.30
C TYR B 166 -16.61 -16.19 24.18
N SER B 167 -16.28 -15.65 23.02
CA SER B 167 -17.06 -15.88 21.83
C SER B 167 -16.94 -17.36 21.44
N SER B 168 -17.91 -17.92 20.73
CA SER B 168 -17.70 -19.27 20.17
C SER B 168 -17.13 -19.27 18.74
N SER B 169 -16.88 -18.10 18.14
CA SER B 169 -15.98 -18.01 17.00
C SER B 169 -15.09 -16.76 16.97
N SER B 170 -14.18 -16.76 16.01
CA SER B 170 -13.26 -15.65 15.81
C SER B 170 -14.02 -14.33 15.49
N THR B 171 -13.40 -13.20 15.78
CA THR B 171 -13.97 -11.91 15.45
C THR B 171 -13.37 -11.39 14.13
N SER B 172 -13.76 -10.20 13.72
CA SER B 172 -13.22 -9.54 12.53
C SER B 172 -13.58 -8.10 12.67
N GLU B 173 -13.09 -7.27 11.77
CA GLU B 173 -13.46 -5.86 11.75
C GLU B 173 -14.97 -5.75 11.67
N THR B 174 -15.56 -6.52 10.76
CA THR B 174 -16.97 -6.34 10.56
C THR B 174 -17.82 -6.87 11.74
N GLU B 175 -17.43 -7.96 12.38
CA GLU B 175 -18.21 -8.45 13.54
C GLU B 175 -17.99 -7.60 14.77
N LEU B 176 -16.77 -7.15 15.01
CA LEU B 176 -16.53 -6.24 16.12
C LEU B 176 -17.35 -4.96 15.96
N GLN B 177 -17.32 -4.39 14.76
CA GLN B 177 -18.02 -3.15 14.51
C GLN B 177 -19.50 -3.29 14.69
N LYS B 178 -20.05 -4.39 14.19
CA LYS B 178 -21.42 -4.71 14.37
C LYS B 178 -21.84 -4.77 15.81
N ALA B 179 -20.96 -5.34 16.66
CA ALA B 179 -21.22 -5.49 18.10
C ALA B 179 -21.20 -4.16 18.78
N ILE B 180 -20.27 -3.33 18.38
CA ILE B 180 -20.20 -2.00 18.90
C ILE B 180 -21.45 -1.18 18.53
N ASP B 181 -21.82 -1.23 17.25
CA ASP B 181 -22.94 -0.41 16.72
C ASP B 181 -24.25 -0.86 17.36
N ALA B 182 -24.40 -2.15 17.59
CA ALA B 182 -25.57 -2.66 18.28
C ALA B 182 -25.66 -2.16 19.72
N ALA B 183 -24.52 -2.09 20.41
CA ALA B 183 -24.47 -1.65 21.80
C ALA B 183 -24.62 -0.15 21.99
N ALA B 184 -24.52 0.60 20.89
CA ALA B 184 -24.59 2.06 21.00
C ALA B 184 -25.85 2.65 21.68
N ASN B 185 -26.99 1.96 21.60
CA ASN B 185 -28.20 2.37 22.35
C ASN B 185 -28.39 1.78 23.76
N VAL B 186 -27.35 1.16 24.33
CA VAL B 186 -27.43 0.63 25.63
C VAL B 186 -26.87 1.71 26.56
N GLY B 187 -27.72 2.29 27.41
CA GLY B 187 -27.36 3.54 28.09
C GLY B 187 -26.23 3.32 29.09
N GLY B 188 -26.21 2.19 29.81
CA GLY B 188 -25.08 1.93 30.72
C GLY B 188 -23.74 1.78 30.04
N LEU B 189 -23.69 1.66 28.72
CA LEU B 189 -22.41 1.59 28.02
C LEU B 189 -21.99 2.90 27.35
N SER B 190 -22.73 4.00 27.58
CA SER B 190 -22.60 5.19 26.73
C SER B 190 -21.26 5.83 27.00
N ALA B 191 -20.71 5.66 28.17
CA ALA B 191 -19.38 6.23 28.48
C ALA B 191 -18.29 5.67 27.57
N HIS B 192 -18.46 4.43 27.09
CA HIS B 192 -17.34 3.70 26.56
C HIS B 192 -17.17 3.74 25.08
N LYS B 193 -17.99 4.50 24.35
CA LYS B 193 -18.05 4.35 22.89
C LYS B 193 -16.75 4.60 22.18
N SER B 194 -16.03 5.56 22.71
CA SER B 194 -14.74 5.89 22.15
C SER B 194 -13.70 4.88 22.46
N LYS B 195 -13.72 4.34 23.66
CA LYS B 195 -12.89 3.17 23.97
C LYS B 195 -13.15 2.04 22.93
N TYR B 196 -14.39 1.76 22.59
CA TYR B 196 -14.69 0.68 21.64
C TYR B 196 -14.11 1.02 20.26
N GLY B 197 -14.30 2.26 19.82
CA GLY B 197 -13.70 2.78 18.59
C GLY B 197 -12.20 2.52 18.52
N ASP B 198 -11.50 2.84 19.58
CA ASP B 198 -10.06 2.73 19.64
C ASP B 198 -9.65 1.26 19.55
N VAL B 199 -10.44 0.36 20.13
CA VAL B 199 -10.16 -1.10 20.00
C VAL B 199 -10.25 -1.51 18.53
N LEU B 200 -11.31 -1.07 17.85
CA LEU B 200 -11.51 -1.39 16.49
C LEU B 200 -10.42 -0.76 15.66
N ASN B 201 -9.98 0.44 16.00
CA ASN B 201 -8.93 1.06 15.18
C ASN B 201 -7.60 0.28 15.31
N LYS B 202 -7.26 -0.13 16.51
CA LYS B 202 -6.06 -0.96 16.72
C LYS B 202 -6.15 -2.28 16.01
N PHE B 203 -7.32 -2.93 16.06
CA PHE B 203 -7.56 -4.14 15.27
C PHE B 203 -7.27 -3.91 13.77
N LYS B 204 -7.82 -2.84 13.22
CA LYS B 204 -7.63 -2.55 11.80
C LYS B 204 -6.20 -2.26 11.45
N LEU B 205 -5.52 -1.48 12.27
CA LEU B 205 -4.12 -1.18 12.05
C LEU B 205 -3.29 -2.47 12.01
N SER B 206 -3.51 -3.37 12.98
CA SER B 206 -2.70 -4.57 13.13
C SER B 206 -2.91 -5.38 11.93
N ASN B 207 -4.19 -5.56 11.60
CA ASN B 207 -4.57 -6.33 10.45
C ASN B 207 -4.02 -5.78 9.09
N ALA B 208 -4.08 -4.46 8.92
CA ALA B 208 -3.51 -3.82 7.75
C ALA B 208 -1.98 -4.01 7.72
N SER B 209 -1.30 -3.90 8.85
CA SER B 209 0.13 -4.20 8.87
C SER B 209 0.45 -5.63 8.42
N VAL B 210 -0.38 -6.59 8.82
CA VAL B 210 -0.20 -7.94 8.39
C VAL B 210 -0.38 -8.09 6.87
N GLY B 211 -1.38 -7.45 6.30
CA GLY B 211 -1.53 -7.43 4.85
C GLY B 211 -0.29 -6.84 4.13
N ALA B 212 0.27 -5.79 4.68
CA ALA B 212 1.47 -5.18 4.16
C ALA B 212 2.71 -6.10 4.23
N VAL B 213 2.80 -6.88 5.30
CA VAL B 213 3.84 -7.90 5.39
C VAL B 213 3.71 -8.90 4.25
N ARG B 214 2.49 -9.41 4.01
CA ARG B 214 2.28 -10.41 2.96
C ARG B 214 2.59 -9.87 1.58
N ASP B 215 2.12 -8.65 1.26
CA ASP B 215 2.33 -8.07 -0.02
C ASP B 215 3.80 -7.75 -0.22
N THR B 216 4.39 -7.15 0.78
CA THR B 216 5.79 -6.79 0.70
C THR B 216 6.66 -8.03 0.46
N SER B 217 6.32 -9.12 1.13
CA SER B 217 7.10 -10.31 1.07
C SER B 217 6.91 -10.93 -0.28
N GLY B 218 5.73 -10.79 -0.87
CA GLY B 218 5.50 -11.32 -2.23
C GLY B 218 6.36 -10.61 -3.25
N ARG B 219 6.47 -9.28 -3.13
CA ARG B 219 7.30 -8.49 -4.04
C ARG B 219 8.79 -8.80 -3.87
N GLY B 220 9.22 -8.96 -2.63
CA GLY B 220 10.53 -9.46 -2.31
C GLY B 220 10.87 -10.72 -3.03
N GLY B 221 10.00 -11.74 -2.94
CA GLY B 221 10.22 -13.00 -3.58
C GLY B 221 10.40 -12.89 -5.09
N LYS B 222 9.59 -12.03 -5.73
CA LYS B 222 9.75 -11.82 -7.17
C LYS B 222 11.08 -11.12 -7.52
N HIS B 223 11.50 -10.15 -6.74
CA HIS B 223 12.86 -9.62 -6.86
C HIS B 223 13.91 -10.72 -6.70
N MET B 224 13.75 -11.58 -5.72
CA MET B 224 14.76 -12.59 -5.43
C MET B 224 14.89 -13.59 -6.54
N GLU B 225 13.79 -13.92 -7.21
CA GLU B 225 13.88 -14.73 -8.39
C GLU B 225 14.78 -14.11 -9.45
N LYS B 226 14.69 -12.82 -9.65
CA LYS B 226 15.54 -12.20 -10.65
C LYS B 226 17.01 -12.19 -10.16
N VAL B 227 17.20 -11.99 -8.85
CA VAL B 227 18.57 -12.09 -8.26
C VAL B 227 19.20 -13.44 -8.55
N ASN B 228 18.43 -14.52 -8.30
CA ASN B 228 18.93 -15.87 -8.55
C ASN B 228 19.29 -16.09 -10.02
N ASN B 229 18.45 -15.60 -10.92
CA ASN B 229 18.71 -15.81 -12.36
C ASN B 229 19.97 -15.08 -12.81
N VAL B 230 20.08 -13.79 -12.47
CA VAL B 230 21.27 -13.01 -12.89
C VAL B 230 22.55 -13.36 -12.16
N ALA B 231 22.46 -13.75 -10.90
CA ALA B 231 23.63 -14.32 -10.21
C ALA B 231 24.27 -15.48 -10.94
N LYS B 232 23.44 -16.38 -11.46
CA LYS B 232 23.96 -17.49 -12.16
C LYS B 232 24.65 -17.08 -13.46
N LEU B 233 24.03 -16.14 -14.19
CA LEU B 233 24.64 -15.61 -15.41
C LEU B 233 26.01 -14.96 -15.15
N LEU B 234 26.16 -14.30 -14.03
CA LEU B 234 27.44 -13.66 -13.74
C LEU B 234 28.53 -14.71 -13.42
N LYS B 235 28.20 -15.67 -12.53
CA LYS B 235 29.09 -16.82 -12.18
C LYS B 235 29.52 -17.55 -13.42
N ASP B 236 28.55 -17.86 -14.27
CA ASP B 236 28.84 -18.53 -15.53
C ASP B 236 29.81 -17.72 -16.44
N ALA B 237 29.82 -16.38 -16.35
CA ALA B 237 30.68 -15.54 -17.22
C ALA B 237 32.09 -15.34 -16.67
N GLU B 238 32.35 -15.87 -15.50
CA GLU B 238 33.55 -15.54 -14.78
C GLU B 238 34.81 -15.85 -15.57
N VAL B 239 34.89 -17.03 -16.12
CA VAL B 239 36.14 -17.39 -16.83
C VAL B 239 36.36 -16.51 -18.06
N SER B 240 35.32 -16.24 -18.82
CA SER B 240 35.49 -15.39 -20.00
C SER B 240 35.77 -13.95 -19.61
N LEU B 241 35.22 -13.49 -18.49
CA LEU B 241 35.52 -12.15 -18.01
C LEU B 241 36.97 -12.04 -17.57
N ALA B 242 37.49 -13.05 -16.88
CA ALA B 242 38.93 -13.03 -16.49
C ALA B 242 39.87 -13.03 -17.72
N ALA B 243 39.50 -13.77 -18.77
CA ALA B 243 40.19 -13.69 -20.06
C ALA B 243 40.13 -12.29 -20.65
N ALA B 244 38.94 -11.68 -20.67
CA ALA B 244 38.78 -10.33 -21.22
C ALA B 244 39.61 -9.32 -20.47
N ALA B 245 39.61 -9.44 -19.16
CA ALA B 245 40.45 -8.53 -18.35
C ALA B 245 41.94 -8.61 -18.72
N ALA B 246 42.47 -9.80 -18.91
CA ALA B 246 43.90 -9.96 -19.26
C ALA B 246 44.19 -9.41 -20.68
N GLU B 247 43.31 -9.68 -21.62
CA GLU B 247 43.47 -9.17 -22.98
C GLU B 247 43.49 -7.64 -23.02
N ILE B 248 42.51 -7.00 -22.37
CA ILE B 248 42.41 -5.59 -22.44
C ILE B 248 43.59 -4.94 -21.64
N GLU B 249 44.02 -5.59 -20.57
CA GLU B 249 45.21 -5.13 -19.85
C GLU B 249 46.44 -5.12 -20.75
N GLU B 250 46.56 -6.15 -21.59
CA GLU B 250 47.67 -6.23 -22.59
C GLU B 250 47.56 -5.15 -23.61
N VAL B 251 46.36 -4.91 -24.11
CA VAL B 251 46.14 -3.87 -25.08
C VAL B 251 46.55 -2.56 -24.46
N LYS B 252 46.08 -2.31 -23.24
CA LYS B 252 46.38 -1.05 -22.54
C LYS B 252 47.88 -0.90 -22.30
N ASN B 253 48.52 -1.99 -21.88
CA ASN B 253 49.98 -1.99 -21.65
C ASN B 253 50.78 -1.77 -22.91
N ALA B 254 50.35 -2.30 -24.03
CA ALA B 254 51.01 -2.04 -25.30
C ALA B 254 50.91 -0.57 -25.68
N HIS B 255 49.73 0.04 -25.55
CA HIS B 255 49.60 1.44 -25.87
C HIS B 255 50.43 2.32 -24.91
N GLU B 256 50.58 1.92 -23.64
CA GLU B 256 51.31 2.72 -22.67
C GLU B 256 52.74 2.75 -23.13
N THR B 257 53.27 1.56 -23.45
CA THR B 257 54.68 1.40 -23.80
C THR B 257 54.93 2.04 -25.16
N LYS B 258 53.95 2.07 -26.06
CA LYS B 258 54.15 2.76 -27.32
C LYS B 258 54.29 4.25 -27.12
N VAL B 259 53.55 4.80 -26.17
CA VAL B 259 53.63 6.25 -25.88
C VAL B 259 54.90 6.62 -25.10
N GLN B 260 55.24 5.83 -24.07
CA GLN B 260 56.53 6.04 -23.38
C GLN B 260 57.67 6.10 -24.40
N GLU B 261 57.73 5.11 -25.28
CA GLU B 261 58.87 4.92 -26.14
C GLU B 261 58.87 5.90 -27.31
N GLU B 262 57.70 6.45 -27.64
CA GLU B 262 57.60 7.55 -28.59
C GLU B 262 57.97 8.90 -27.99
N MET B 263 58.05 9.00 -26.67
CA MET B 263 58.87 10.05 -26.12
C MET B 263 60.28 9.62 -26.54
N LYS B 264 60.66 10.05 -27.76
CA LYS B 264 61.99 9.84 -28.31
C LYS B 264 62.12 10.16 -29.80
#